data_4WCO
#
_entry.id   4WCO
#
_cell.length_a   82.379
_cell.length_b   84.658
_cell.length_c   53.422
_cell.angle_alpha   90.00
_cell.angle_beta   90.00
_cell.angle_gamma   90.00
#
_symmetry.space_group_name_H-M   'P 21 21 2'
#
loop_
_entity.id
_entity.type
_entity.pdbx_description
1 polymer 'C-type lectin domain family 2 member D'
2 non-polymer 'ZINC ION'
3 non-polymer 'ACETATE ION'
4 non-polymer 'SULFATE ION'
5 water water
#
_entity_poly.entity_id   1
_entity_poly.type   'polypeptide(L)'
_entity_poly.pdbx_seq_one_letter_code
;MLQAACPESWIGFQRKCFYFSDDTKNWTSSQRFCDSQDADLAQVESFQELNFLLRYKGPSDHWIGLSREQGQPWKWINGT
EWTRQFPILGAGECAYLNDKGASSARCYTERKWICSKSDIHV
;
_entity_poly.pdbx_strand_id   A,B,C
#
# COMPACT_ATOMS: atom_id res chain seq x y z
N LEU A 2 -12.68 20.46 4.81
CA LEU A 2 -11.25 20.18 4.91
C LEU A 2 -10.80 19.77 6.30
N GLN A 3 -9.68 19.07 6.34
CA GLN A 3 -9.05 18.63 7.57
C GLN A 3 -8.14 19.74 8.09
N ALA A 4 -7.58 19.53 9.29
CA ALA A 4 -6.87 20.59 9.98
C ALA A 4 -5.49 20.85 9.36
N ALA A 5 -5.07 22.11 9.41
CA ALA A 5 -3.73 22.51 8.97
C ALA A 5 -2.79 22.40 10.17
N CYS A 6 -1.79 21.53 10.03
CA CYS A 6 -0.89 21.20 11.12
C CYS A 6 0.50 21.78 10.97
N PRO A 7 1.21 21.96 12.10
CA PRO A 7 2.60 22.42 12.06
C PRO A 7 3.53 21.38 11.44
N GLU A 8 4.76 21.76 11.15
CA GLU A 8 5.72 20.86 10.55
C GLU A 8 5.90 19.58 11.34
N SER A 9 6.00 18.47 10.62
CA SER A 9 6.21 17.13 11.17
C SER A 9 4.92 16.53 11.74
N TRP A 10 3.81 17.26 11.63
CA TRP A 10 2.54 16.75 12.11
C TRP A 10 1.61 16.40 10.95
N ILE A 11 0.73 15.43 11.21
CA ILE A 11 -0.20 14.93 10.20
C ILE A 11 -1.63 15.29 10.60
N GLY A 12 -2.37 15.87 9.66
CA GLY A 12 -3.75 16.27 9.90
C GLY A 12 -4.74 15.16 9.58
N PHE A 13 -5.62 14.89 10.54
CA PHE A 13 -6.74 13.97 10.33
C PHE A 13 -7.99 14.53 10.99
N GLN A 14 -9.03 14.74 10.19
CA GLN A 14 -10.25 15.39 10.65
C GLN A 14 -9.93 16.73 11.31
N ARG A 15 -10.31 16.89 12.58
CA ARG A 15 -10.12 18.15 13.29
C ARG A 15 -8.91 18.09 14.21
N LYS A 16 -7.99 17.17 13.94
CA LYS A 16 -6.80 16.99 14.76
C LYS A 16 -5.49 16.96 13.97
N CYS A 17 -4.40 17.27 14.65
CA CYS A 17 -3.05 17.12 14.10
C CYS A 17 -2.31 16.05 14.90
N PHE A 18 -1.56 15.19 14.21
CA PHE A 18 -0.90 14.06 14.87
C PHE A 18 0.60 14.05 14.66
N TYR A 19 1.33 13.63 15.69
CA TYR A 19 2.79 13.50 15.64
C TYR A 19 3.21 12.08 15.99
N PHE A 20 3.89 11.42 15.05
CA PHE A 20 4.40 10.07 15.28
C PHE A 20 5.89 10.11 15.65
N SER A 21 6.21 9.66 16.85
CA SER A 21 7.56 9.78 17.38
C SER A 21 8.56 8.86 16.69
N ASP A 22 9.83 9.27 16.70
CA ASP A 22 10.91 8.47 16.15
C ASP A 22 11.54 7.58 17.24
N ASP A 23 11.57 8.10 18.47
CA ASP A 23 12.28 7.44 19.57
C ASP A 23 11.32 6.91 20.63
N THR A 24 11.87 6.16 21.59
CA THR A 24 11.07 5.51 22.62
C THR A 24 11.18 6.20 23.98
N LYS A 25 10.03 6.31 24.66
CA LYS A 25 9.95 6.89 26.00
C LYS A 25 8.91 6.11 26.82
N ASN A 26 8.95 6.29 28.14
CA ASN A 26 7.88 5.76 28.98
C ASN A 26 6.65 6.65 28.82
N TRP A 27 5.52 6.21 29.34
CA TRP A 27 4.24 6.87 29.08
C TRP A 27 4.24 8.32 29.55
N THR A 28 4.71 8.55 30.77
CA THR A 28 4.71 9.89 31.34
C THR A 28 5.66 10.81 30.59
N SER A 29 6.83 10.29 30.22
CA SER A 29 7.81 11.07 29.48
C SER A 29 7.28 11.43 28.09
N SER A 30 6.52 10.51 27.50
CA SER A 30 5.91 10.77 26.20
C SER A 30 4.88 11.88 26.32
N GLN A 31 4.08 11.85 27.38
CA GLN A 31 3.08 12.87 27.64
C GLN A 31 3.75 14.23 27.88
N ARG A 32 4.91 14.19 28.50
CA ARG A 32 5.68 15.40 28.78
C ARG A 32 6.16 16.03 27.49
N PHE A 33 6.54 15.20 26.53
CA PHE A 33 6.96 15.68 25.22
C PHE A 33 5.78 16.34 24.51
N CYS A 34 4.63 15.68 24.53
CA CYS A 34 3.43 16.20 23.87
C CYS A 34 2.99 17.53 24.49
N ASP A 35 3.06 17.61 25.82
CA ASP A 35 2.65 18.83 26.53
C ASP A 35 3.54 20.00 26.15
N SER A 36 4.81 19.72 25.91
CA SER A 36 5.77 20.76 25.52
C SER A 36 5.44 21.31 24.13
N GLN A 37 4.71 20.53 23.34
CA GLN A 37 4.31 20.95 22.00
C GLN A 37 2.87 21.47 22.01
N ASP A 38 2.39 21.85 23.19
CA ASP A 38 1.02 22.32 23.38
C ASP A 38 0.04 21.25 22.88
N ALA A 39 0.33 20.00 23.22
CA ALA A 39 -0.49 18.87 22.80
C ALA A 39 -0.58 17.84 23.92
N ASP A 40 -1.23 16.72 23.63
CA ASP A 40 -1.36 15.63 24.58
C ASP A 40 -1.14 14.32 23.85
N LEU A 41 -0.89 13.25 24.60
CA LEU A 41 -0.84 11.92 24.00
C LEU A 41 -2.16 11.68 23.29
N ALA A 42 -2.09 11.02 22.15
CA ALA A 42 -3.22 10.91 21.22
C ALA A 42 -4.53 10.57 21.92
N GLN A 43 -5.53 11.44 21.73
CA GLN A 43 -6.88 11.18 22.20
C GLN A 43 -7.65 10.48 21.10
N VAL A 44 -7.73 9.16 21.21
CA VAL A 44 -8.39 8.34 20.20
C VAL A 44 -9.86 8.20 20.55
N GLU A 45 -10.72 8.89 19.80
CA GLU A 45 -12.14 8.98 20.13
C GLU A 45 -13.04 8.13 19.23
N SER A 46 -12.44 7.44 18.26
CA SER A 46 -13.23 6.62 17.35
C SER A 46 -12.43 5.53 16.65
N PHE A 47 -13.15 4.60 16.05
CA PHE A 47 -12.54 3.49 15.33
C PHE A 47 -11.90 4.00 14.03
N GLN A 48 -12.47 5.05 13.47
CA GLN A 48 -11.90 5.66 12.26
C GLN A 48 -10.56 6.29 12.60
N GLU A 49 -10.50 6.94 13.75
CA GLU A 49 -9.26 7.56 14.21
C GLU A 49 -8.22 6.48 14.51
N LEU A 50 -8.67 5.37 15.09
CA LEU A 50 -7.80 4.25 15.40
C LEU A 50 -7.18 3.67 14.12
N ASN A 51 -8.02 3.48 13.11
CA ASN A 51 -7.56 2.93 11.85
C ASN A 51 -6.55 3.85 11.16
N PHE A 52 -6.80 5.15 11.23
CA PHE A 52 -5.86 6.12 10.69
C PHE A 52 -4.48 5.95 11.32
N LEU A 53 -4.45 5.87 12.65
CA LEU A 53 -3.19 5.74 13.37
C LEU A 53 -2.50 4.42 13.05
N LEU A 54 -3.25 3.33 13.06
CA LEU A 54 -2.69 2.02 12.74
C LEU A 54 -2.06 2.02 11.35
N ARG A 55 -2.69 2.74 10.42
CA ARG A 55 -2.24 2.79 9.04
C ARG A 55 -0.86 3.44 8.90
N TYR A 56 -0.66 4.53 9.62
CA TYR A 56 0.50 5.39 9.42
C TYR A 56 1.49 5.35 10.59
N LYS A 57 1.20 4.51 11.57
CA LYS A 57 1.99 4.38 12.78
C LYS A 57 3.37 3.75 12.57
N GLY A 58 3.43 2.70 11.75
CA GLY A 58 4.65 1.93 11.55
C GLY A 58 4.66 0.65 12.37
N PRO A 59 5.75 -0.14 12.27
CA PRO A 59 5.83 -1.45 12.92
C PRO A 59 5.87 -1.44 14.45
N SER A 60 6.43 -0.40 15.06
CA SER A 60 6.63 -0.38 16.51
C SER A 60 5.35 -0.04 17.28
N ASP A 61 5.29 -0.44 18.53
CA ASP A 61 4.18 -0.08 19.42
C ASP A 61 4.21 1.41 19.74
N HIS A 62 3.03 2.02 19.86
CA HIS A 62 2.92 3.46 20.13
C HIS A 62 1.98 3.79 21.29
N TRP A 63 2.52 4.50 22.28
CA TRP A 63 1.70 5.03 23.38
C TRP A 63 0.58 5.92 22.86
N ILE A 64 -0.58 5.86 23.51
CA ILE A 64 -1.64 6.85 23.27
C ILE A 64 -2.11 7.41 24.62
N GLY A 65 -2.99 8.41 24.57
CA GLY A 65 -3.34 9.17 25.75
C GLY A 65 -4.46 8.58 26.60
N LEU A 66 -4.40 7.28 26.84
CA LEU A 66 -5.40 6.59 27.66
C LEU A 66 -4.74 5.85 28.81
N SER A 67 -5.21 6.11 30.03
CA SER A 67 -4.64 5.47 31.21
C SER A 67 -5.71 5.20 32.26
N ARG A 68 -5.39 4.29 33.18
CA ARG A 68 -6.29 3.91 34.26
C ARG A 68 -5.49 3.47 35.48
N GLU A 69 -6.02 3.71 36.66
CA GLU A 69 -5.46 3.09 37.85
C GLU A 69 -6.15 1.73 37.90
N GLN A 70 -5.51 0.75 38.53
CA GLN A 70 -6.08 -0.60 38.60
C GLN A 70 -7.47 -0.63 39.23
N GLY A 71 -8.39 -1.30 38.54
CA GLY A 71 -9.77 -1.41 38.98
C GLY A 71 -10.56 -0.13 38.84
N GLN A 72 -10.00 0.80 38.05
CA GLN A 72 -10.69 2.04 37.74
C GLN A 72 -10.90 2.03 36.22
N PRO A 73 -11.91 2.78 35.73
CA PRO A 73 -12.12 2.73 34.28
C PRO A 73 -11.06 3.52 33.53
N TRP A 74 -10.99 3.30 32.22
CA TRP A 74 -10.04 4.03 31.38
C TRP A 74 -10.43 5.50 31.33
N LYS A 75 -9.41 6.36 31.29
CA LYS A 75 -9.62 7.80 31.29
C LYS A 75 -8.71 8.49 30.30
N TRP A 76 -9.27 9.46 29.57
CA TRP A 76 -8.46 10.33 28.74
C TRP A 76 -7.67 11.25 29.64
N ILE A 77 -6.71 11.97 29.07
CA ILE A 77 -5.84 12.85 29.83
C ILE A 77 -6.64 13.97 30.51
N ASN A 78 -7.71 14.43 29.89
CA ASN A 78 -8.49 15.51 30.48
C ASN A 78 -9.25 15.01 31.71
N GLY A 79 -9.55 13.72 31.73
CA GLY A 79 -10.20 13.07 32.86
C GLY A 79 -11.49 12.37 32.49
N THR A 80 -11.97 12.64 31.28
CA THR A 80 -13.22 12.06 30.79
C THR A 80 -13.09 10.55 30.61
N GLU A 81 -14.12 9.82 31.01
CA GLU A 81 -14.08 8.36 30.95
C GLU A 81 -14.13 7.87 29.50
N TRP A 82 -13.25 6.91 29.22
CA TRP A 82 -13.21 6.19 27.95
C TRP A 82 -14.58 5.64 27.53
N THR A 83 -14.97 5.92 26.29
CA THR A 83 -16.33 5.63 25.84
C THR A 83 -16.45 4.32 25.06
N ARG A 84 -15.50 3.42 25.26
CA ARG A 84 -15.60 2.04 24.79
C ARG A 84 -15.78 1.90 23.27
N GLN A 85 -15.14 2.77 22.50
CA GLN A 85 -15.26 2.71 21.04
C GLN A 85 -14.61 1.46 20.44
N PHE A 86 -13.58 0.95 21.11
CA PHE A 86 -12.92 -0.27 20.68
C PHE A 86 -12.29 -0.97 21.88
N PRO A 87 -12.08 -2.30 21.78
CA PRO A 87 -11.52 -3.04 22.91
C PRO A 87 -10.05 -2.69 23.19
N ILE A 88 -9.68 -2.69 24.46
CA ILE A 88 -8.30 -2.51 24.89
C ILE A 88 -7.83 -3.75 25.64
N LEU A 89 -7.01 -4.56 24.97
CA LEU A 89 -6.52 -5.80 25.56
C LEU A 89 -5.43 -5.53 26.58
N GLY A 90 -5.12 -6.55 27.37
CA GLY A 90 -4.04 -6.47 28.34
C GLY A 90 -4.53 -6.12 29.73
N ALA A 91 -3.61 -6.10 30.69
CA ALA A 91 -3.92 -5.78 32.08
C ALA A 91 -3.12 -4.58 32.56
N GLY A 92 -2.51 -3.85 31.62
CA GLY A 92 -1.67 -2.72 31.95
C GLY A 92 -2.44 -1.49 32.37
N GLU A 93 -1.71 -0.45 32.77
CA GLU A 93 -2.32 0.79 33.26
C GLU A 93 -2.31 1.87 32.19
N CYS A 94 -1.45 1.70 31.20
CA CYS A 94 -1.29 2.65 30.11
C CYS A 94 -1.52 1.97 28.77
N ALA A 95 -2.28 2.64 27.90
CA ALA A 95 -2.69 2.05 26.63
C ALA A 95 -1.73 2.40 25.50
N TYR A 96 -1.53 1.45 24.59
CA TYR A 96 -0.70 1.67 23.42
C TYR A 96 -1.29 0.96 22.21
N LEU A 97 -0.82 1.33 21.03
CA LEU A 97 -1.25 0.69 19.79
C LEU A 97 -0.15 -0.22 19.24
N ASN A 98 -0.52 -1.46 18.94
CA ASN A 98 0.31 -2.35 18.14
C ASN A 98 -0.28 -2.46 16.74
N ASP A 99 0.24 -3.38 15.94
CA ASP A 99 -0.18 -3.50 14.54
C ASP A 99 -1.64 -3.93 14.38
N LYS A 100 -2.18 -4.58 15.41
CA LYS A 100 -3.51 -5.17 15.32
C LYS A 100 -4.58 -4.25 15.89
N GLY A 101 -4.26 -3.56 16.98
CA GLY A 101 -5.21 -2.68 17.63
C GLY A 101 -4.65 -2.05 18.89
N ALA A 102 -5.52 -1.83 19.87
CA ALA A 102 -5.14 -1.20 21.13
C ALA A 102 -4.94 -2.23 22.24
N SER A 103 -3.83 -2.11 22.96
CA SER A 103 -3.55 -2.95 24.12
C SER A 103 -3.05 -2.09 25.29
N SER A 104 -2.70 -2.73 26.40
CA SER A 104 -2.25 -2.02 27.59
C SER A 104 -0.98 -2.65 28.16
N ALA A 105 -0.20 -1.85 28.90
CA ALA A 105 1.05 -2.32 29.48
C ALA A 105 1.47 -1.49 30.69
N ARG A 106 2.56 -1.90 31.34
CA ARG A 106 3.13 -1.15 32.43
C ARG A 106 3.63 0.21 31.93
N CYS A 107 3.32 1.26 32.68
CA CYS A 107 3.58 2.63 32.24
C CYS A 107 5.07 2.95 32.14
N TYR A 108 5.90 2.19 32.85
CA TYR A 108 7.33 2.48 32.89
C TYR A 108 8.10 1.79 31.76
N THR A 109 7.42 0.95 30.99
CA THR A 109 8.00 0.41 29.77
C THR A 109 8.13 1.51 28.73
N GLU A 110 9.10 1.36 27.83
CA GLU A 110 9.43 2.42 26.87
C GLU A 110 8.94 2.06 25.47
N ARG A 111 8.20 2.99 24.86
CA ARG A 111 7.63 2.78 23.54
C ARG A 111 7.68 4.08 22.75
N LYS A 112 7.46 3.99 21.44
CA LYS A 112 7.19 5.17 20.65
C LYS A 112 5.84 5.72 21.10
N TRP A 113 5.49 6.92 20.64
CA TRP A 113 4.24 7.53 21.07
C TRP A 113 3.60 8.38 19.97
N ILE A 114 2.35 8.77 20.21
CA ILE A 114 1.61 9.62 19.30
C ILE A 114 0.99 10.78 20.07
N CYS A 115 1.33 12.01 19.66
CA CYS A 115 0.71 13.21 20.21
C CYS A 115 -0.44 13.65 19.32
N SER A 116 -1.42 14.33 19.90
CA SER A 116 -2.50 14.93 19.13
C SER A 116 -2.98 16.25 19.72
N LYS A 117 -3.44 17.15 18.85
CA LYS A 117 -4.01 18.41 19.28
C LYS A 117 -4.94 18.99 18.22
N SER A 118 -5.83 19.89 18.64
CA SER A 118 -6.75 20.54 17.71
C SER A 118 -6.07 21.71 17.01
N LEU B 2 2.78 25.93 9.22
CA LEU B 2 1.52 26.25 8.58
C LEU B 2 0.93 24.99 7.96
N GLN B 3 1.53 24.59 6.84
CA GLN B 3 1.17 23.39 6.08
C GLN B 3 -0.25 23.41 5.53
N ALA B 4 -0.52 22.51 4.59
CA ALA B 4 -1.78 22.51 3.84
C ALA B 4 -2.94 21.84 4.56
N ALA B 5 -4.13 22.41 4.39
CA ALA B 5 -5.37 21.77 4.85
C ALA B 5 -5.95 20.95 3.70
N CYS B 6 -6.00 19.63 3.90
CA CYS B 6 -6.40 18.71 2.84
C CYS B 6 -7.79 18.11 3.05
N PRO B 7 -8.44 17.70 1.94
CA PRO B 7 -9.74 17.03 2.06
C PRO B 7 -9.60 15.67 2.75
N GLU B 8 -10.72 15.09 3.17
CA GLU B 8 -10.70 13.81 3.88
C GLU B 8 -10.02 12.72 3.05
N SER B 9 -9.26 11.87 3.75
CA SER B 9 -8.50 10.75 3.16
C SER B 9 -7.20 11.22 2.51
N TRP B 10 -6.94 12.53 2.55
CA TRP B 10 -5.68 13.08 2.04
C TRP B 10 -4.83 13.60 3.19
N ILE B 11 -3.52 13.57 3.00
CA ILE B 11 -2.56 14.02 4.02
C ILE B 11 -1.78 15.23 3.54
N GLY B 12 -1.72 16.24 4.38
CA GLY B 12 -1.01 17.47 4.06
C GLY B 12 0.46 17.40 4.42
N PHE B 13 1.30 17.77 3.45
CA PHE B 13 2.74 17.92 3.67
C PHE B 13 3.21 19.16 2.93
N GLN B 14 3.84 20.07 3.66
CA GLN B 14 4.21 21.38 3.13
C GLN B 14 2.95 22.03 2.54
N ARG B 15 3.01 22.45 1.27
CA ARG B 15 1.86 23.08 0.63
C ARG B 15 1.15 22.14 -0.35
N LYS B 16 1.26 20.84 -0.10
CA LYS B 16 0.63 19.84 -0.94
C LYS B 16 -0.24 18.91 -0.11
N CYS B 17 -1.20 18.27 -0.78
CA CYS B 17 -2.02 17.22 -0.20
C CYS B 17 -1.70 15.91 -0.90
N PHE B 18 -1.60 14.83 -0.13
CA PHE B 18 -1.21 13.53 -0.66
C PHE B 18 -2.27 12.48 -0.36
N TYR B 19 -2.45 11.57 -1.30
CA TYR B 19 -3.40 10.46 -1.16
C TYR B 19 -2.71 9.13 -1.31
N PHE B 20 -2.75 8.31 -0.26
CA PHE B 20 -2.20 6.97 -0.31
C PHE B 20 -3.34 5.98 -0.55
N SER B 21 -3.26 5.25 -1.64
CA SER B 21 -4.35 4.36 -2.05
C SER B 21 -4.46 3.14 -1.15
N ASP B 22 -5.67 2.59 -1.08
CA ASP B 22 -5.94 1.35 -0.36
C ASP B 22 -5.81 0.16 -1.30
N ASP B 23 -6.12 0.39 -2.58
CA ASP B 23 -6.22 -0.68 -3.57
C ASP B 23 -5.08 -0.59 -4.58
N THR B 24 -4.93 -1.62 -5.40
CA THR B 24 -3.87 -1.70 -6.40
C THR B 24 -4.44 -1.46 -7.78
N LYS B 25 -3.72 -0.70 -8.59
CA LYS B 25 -4.11 -0.42 -9.97
C LYS B 25 -2.89 -0.40 -10.87
N ASN B 26 -3.10 -0.49 -12.18
CA ASN B 26 -2.02 -0.27 -13.13
C ASN B 26 -1.73 1.22 -13.18
N TRP B 27 -0.65 1.61 -13.84
CA TRP B 27 -0.18 2.98 -13.79
C TRP B 27 -1.21 3.97 -14.34
N THR B 28 -1.76 3.67 -15.51
CA THR B 28 -2.70 4.60 -16.15
C THR B 28 -3.98 4.74 -15.35
N SER B 29 -4.48 3.64 -14.79
CA SER B 29 -5.70 3.68 -14.00
C SER B 29 -5.50 4.52 -12.74
N SER B 30 -4.29 4.43 -12.17
CA SER B 30 -3.94 5.22 -11.00
C SER B 30 -3.92 6.71 -11.35
N GLN B 31 -3.32 7.03 -12.48
CA GLN B 31 -3.25 8.41 -12.93
C GLN B 31 -4.64 8.95 -13.23
N ARG B 32 -5.51 8.09 -13.77
CA ARG B 32 -6.87 8.49 -14.08
C ARG B 32 -7.64 8.74 -12.79
N PHE B 33 -7.33 7.97 -11.76
CA PHE B 33 -7.93 8.19 -10.44
C PHE B 33 -7.51 9.57 -9.91
N CYS B 34 -6.22 9.85 -9.97
CA CYS B 34 -5.69 11.12 -9.46
C CYS B 34 -6.28 12.31 -10.23
N ASP B 35 -6.39 12.17 -11.54
CA ASP B 35 -6.91 13.24 -12.37
C ASP B 35 -8.36 13.55 -12.03
N SER B 36 -9.12 12.53 -11.69
CA SER B 36 -10.53 12.71 -11.32
C SER B 36 -10.66 13.49 -10.01
N GLN B 37 -9.60 13.45 -9.20
CA GLN B 37 -9.59 14.15 -7.93
C GLN B 37 -8.85 15.48 -8.04
N ASP B 38 -8.73 15.99 -9.25
CA ASP B 38 -8.02 17.24 -9.53
C ASP B 38 -6.59 17.17 -9.01
N ALA B 39 -5.95 16.02 -9.24
CA ALA B 39 -4.58 15.78 -8.81
C ALA B 39 -3.83 14.98 -9.86
N ASP B 40 -2.58 14.62 -9.55
CA ASP B 40 -1.75 13.81 -10.43
C ASP B 40 -1.01 12.78 -9.59
N LEU B 41 -0.48 11.75 -10.24
CA LEU B 41 0.41 10.82 -9.58
C LEU B 41 1.56 11.64 -8.98
N ALA B 42 1.99 11.24 -7.78
CA ALA B 42 2.90 12.06 -6.97
C ALA B 42 4.06 12.65 -7.76
N GLN B 43 4.13 13.98 -7.73
CA GLN B 43 5.25 14.73 -8.27
C GLN B 43 6.24 15.01 -7.17
N VAL B 44 7.33 14.26 -7.14
CA VAL B 44 8.33 14.39 -6.08
C VAL B 44 9.35 15.46 -6.44
N GLU B 45 9.28 16.60 -5.76
CA GLU B 45 10.08 17.77 -6.10
C GLU B 45 11.24 18.03 -5.13
N SER B 46 11.37 17.20 -4.11
CA SER B 46 12.44 17.38 -3.12
C SER B 46 12.73 16.10 -2.34
N PHE B 47 13.86 16.10 -1.63
CA PHE B 47 14.26 14.94 -0.83
C PHE B 47 13.36 14.81 0.39
N GLN B 48 12.88 15.94 0.90
CA GLN B 48 11.94 15.92 2.02
C GLN B 48 10.62 15.31 1.59
N GLU B 49 10.17 15.64 0.38
CA GLU B 49 8.95 15.08 -0.15
C GLU B 49 9.08 13.58 -0.35
N LEU B 50 10.24 13.15 -0.84
CA LEU B 50 10.51 11.73 -1.04
C LEU B 50 10.50 10.99 0.30
N ASN B 51 11.17 11.57 1.30
CA ASN B 51 11.24 10.98 2.62
C ASN B 51 9.86 10.87 3.27
N PHE B 52 9.05 11.91 3.09
CA PHE B 52 7.68 11.90 3.59
C PHE B 52 6.91 10.71 3.04
N LEU B 53 7.02 10.49 1.74
CA LEU B 53 6.31 9.39 1.10
C LEU B 53 6.82 8.04 1.58
N LEU B 54 8.14 7.88 1.62
CA LEU B 54 8.74 6.63 2.09
C LEU B 54 8.31 6.30 3.52
N ARG B 55 8.17 7.32 4.35
CA ARG B 55 7.81 7.12 5.75
C ARG B 55 6.38 6.57 5.90
N TYR B 56 5.44 7.13 5.13
CA TYR B 56 4.02 6.87 5.35
C TYR B 56 3.34 6.04 4.28
N LYS B 57 4.09 5.60 3.26
CA LYS B 57 3.50 4.81 2.18
C LYS B 57 3.14 3.41 2.67
N GLY B 58 4.00 2.85 3.53
CA GLY B 58 3.82 1.49 4.01
C GLY B 58 4.71 0.50 3.27
N PRO B 59 4.57 -0.79 3.60
CA PRO B 59 5.44 -1.83 3.02
C PRO B 59 5.30 -2.00 1.51
N SER B 60 4.12 -1.70 0.98
CA SER B 60 3.83 -1.97 -0.43
C SER B 60 4.45 -0.94 -1.38
N ASP B 61 4.67 -1.36 -2.62
CA ASP B 61 5.14 -0.45 -3.67
C ASP B 61 4.06 0.54 -4.07
N HIS B 62 4.46 1.76 -4.40
CA HIS B 62 3.52 2.81 -4.80
C HIS B 62 3.95 3.51 -6.09
N TRP B 63 3.05 3.51 -7.07
CA TRP B 63 3.25 4.26 -8.31
C TRP B 63 3.48 5.74 -8.01
N ILE B 64 4.32 6.38 -8.81
CA ILE B 64 4.42 7.84 -8.81
C ILE B 64 4.30 8.34 -10.25
N GLY B 65 4.23 9.66 -10.40
CA GLY B 65 3.88 10.26 -11.69
C GLY B 65 5.07 10.45 -12.61
N LEU B 66 5.89 9.41 -12.73
CA LEU B 66 7.07 9.46 -13.57
C LEU B 66 7.06 8.27 -14.55
N SER B 67 7.18 8.56 -15.83
CA SER B 67 7.15 7.52 -16.86
C SER B 67 8.04 7.86 -18.05
N ARG B 68 8.36 6.85 -18.85
CA ARG B 68 9.15 7.03 -20.06
C ARG B 68 8.77 6.01 -21.13
N GLU B 69 8.76 6.43 -22.39
CA GLU B 69 8.69 5.50 -23.53
C GLU B 69 10.07 5.10 -24.03
N GLN B 72 12.88 7.22 -25.08
CA GLN B 72 12.64 8.53 -24.48
C GLN B 72 13.11 8.59 -23.02
N PRO B 73 13.46 9.80 -22.55
CA PRO B 73 13.86 10.01 -21.15
C PRO B 73 12.65 10.05 -20.22
N TRP B 74 12.89 10.00 -18.93
CA TRP B 74 11.82 10.08 -17.94
C TRP B 74 11.17 11.46 -17.99
N LYS B 75 9.85 11.51 -17.81
CA LYS B 75 9.13 12.77 -17.76
C LYS B 75 8.02 12.73 -16.72
N TRP B 76 7.87 13.84 -16.01
CA TRP B 76 6.77 14.02 -15.06
C TRP B 76 5.45 14.18 -15.80
N ILE B 77 4.34 14.09 -15.06
CA ILE B 77 3.01 14.18 -15.65
C ILE B 77 2.78 15.57 -16.24
N ASN B 78 3.25 16.59 -15.53
CA ASN B 78 3.07 17.98 -15.97
C ASN B 78 3.99 18.37 -17.11
N TRP B 82 12.16 16.22 -16.31
CA TRP B 82 12.83 15.43 -15.29
C TRP B 82 14.30 15.78 -15.20
N THR B 83 14.74 16.23 -14.03
CA THR B 83 16.11 16.73 -13.85
C THR B 83 17.00 15.77 -13.07
N ARG B 84 16.62 14.50 -12.98
CA ARG B 84 17.48 13.49 -12.36
C ARG B 84 17.82 13.83 -10.91
N GLN B 85 16.82 14.31 -10.17
CA GLN B 85 17.00 14.70 -8.77
C GLN B 85 17.42 13.49 -7.93
N PHE B 86 16.99 12.30 -8.35
CA PHE B 86 17.35 11.07 -7.67
C PHE B 86 17.34 9.91 -8.66
N PRO B 87 18.11 8.84 -8.35
CA PRO B 87 18.17 7.70 -9.27
C PRO B 87 16.87 6.91 -9.34
N ILE B 88 16.56 6.41 -10.52
CA ILE B 88 15.43 5.51 -10.74
C ILE B 88 15.97 4.19 -11.24
N LEU B 89 15.97 3.18 -10.39
CA LEU B 89 16.53 1.89 -10.76
C LEU B 89 15.58 1.14 -11.68
N GLY B 90 16.12 0.12 -12.36
CA GLY B 90 15.31 -0.74 -13.20
C GLY B 90 15.32 -0.35 -14.66
N ALA B 91 14.65 -1.16 -15.48
CA ALA B 91 14.54 -0.94 -16.90
C ALA B 91 13.07 -0.81 -17.30
N GLY B 92 12.21 -0.62 -16.31
CA GLY B 92 10.77 -0.56 -16.53
C GLY B 92 10.33 0.73 -17.18
N GLU B 93 9.04 0.80 -17.49
CA GLU B 93 8.47 1.93 -18.22
C GLU B 93 7.73 2.90 -17.29
N CYS B 94 7.34 2.42 -16.11
CA CYS B 94 6.63 3.23 -15.12
C CYS B 94 7.36 3.21 -13.77
N ALA B 95 7.47 4.36 -13.13
CA ALA B 95 8.26 4.48 -11.91
C ALA B 95 7.39 4.30 -10.66
N TYR B 96 7.96 3.68 -9.64
CA TYR B 96 7.27 3.47 -8.37
C TYR B 96 8.24 3.61 -7.20
N LEU B 97 7.70 3.76 -6.00
CA LEU B 97 8.50 3.81 -4.79
C LEU B 97 8.40 2.50 -4.00
N ASN B 98 9.54 1.92 -3.68
CA ASN B 98 9.62 0.86 -2.69
C ASN B 98 10.19 1.42 -1.40
N ASP B 99 10.52 0.55 -0.44
CA ASP B 99 11.00 1.01 0.85
C ASP B 99 12.37 1.70 0.76
N LYS B 100 13.13 1.41 -0.30
CA LYS B 100 14.50 1.91 -0.40
C LYS B 100 14.58 3.21 -1.21
N GLY B 101 13.78 3.29 -2.28
CA GLY B 101 13.80 4.45 -3.14
C GLY B 101 12.89 4.31 -4.35
N ALA B 102 13.30 4.89 -5.46
CA ALA B 102 12.52 4.85 -6.70
C ALA B 102 13.03 3.77 -7.64
N SER B 103 12.11 2.97 -8.17
CA SER B 103 12.43 1.96 -9.16
C SER B 103 11.43 2.05 -10.31
N SER B 104 11.55 1.14 -11.27
CA SER B 104 10.68 1.15 -12.44
C SER B 104 10.12 -0.25 -12.72
N ALA B 105 8.98 -0.31 -13.40
CA ALA B 105 8.33 -1.58 -13.71
C ALA B 105 7.41 -1.48 -14.92
N ARG B 106 6.88 -2.62 -15.36
CA ARG B 106 5.90 -2.63 -16.43
C ARG B 106 4.63 -1.93 -15.96
N CYS B 107 4.07 -1.09 -16.82
CA CYS B 107 3.00 -0.20 -16.42
C CYS B 107 1.69 -0.91 -16.09
N TYR B 108 1.51 -2.10 -16.63
CA TYR B 108 0.26 -2.84 -16.45
C TYR B 108 0.29 -3.81 -15.28
N THR B 109 1.44 -3.94 -14.63
CA THR B 109 1.47 -4.63 -13.35
C THR B 109 0.73 -3.69 -12.41
N GLU B 110 0.11 -4.24 -11.37
CA GLU B 110 -0.74 -3.45 -10.49
C GLU B 110 -0.13 -3.22 -9.12
N ARG B 111 -0.13 -1.95 -8.71
CA ARG B 111 0.39 -1.51 -7.42
C ARG B 111 -0.51 -0.45 -6.82
N LYS B 112 -0.29 -0.16 -5.54
CA LYS B 112 -0.88 1.00 -4.91
C LYS B 112 -0.28 2.25 -5.56
N TRP B 113 -0.84 3.42 -5.26
CA TRP B 113 -0.37 4.65 -5.88
C TRP B 113 -0.47 5.82 -4.94
N ILE B 114 0.16 6.92 -5.33
CA ILE B 114 0.13 8.15 -4.56
C ILE B 114 -0.24 9.33 -5.45
N CYS B 115 -1.32 10.03 -5.09
CA CYS B 115 -1.70 11.26 -5.77
C CYS B 115 -1.15 12.45 -5.00
N SER B 116 -0.91 13.55 -5.70
CA SER B 116 -0.53 14.79 -5.04
C SER B 116 -1.13 16.00 -5.75
N LYS B 117 -1.42 17.03 -4.98
CA LYS B 117 -1.93 18.29 -5.51
C LYS B 117 -1.65 19.42 -4.53
N SER B 118 -1.67 20.65 -5.02
CA SER B 118 -1.45 21.82 -4.17
C SER B 118 -2.72 22.16 -3.41
N ASP B 119 -2.59 22.96 -2.36
CA ASP B 119 -3.71 23.35 -1.52
C ASP B 119 -4.62 24.35 -2.22
N ALA C 5 -22.15 -17.96 -10.24
CA ALA C 5 -22.44 -17.75 -11.65
C ALA C 5 -21.38 -16.88 -12.31
N CYS C 6 -20.69 -17.46 -13.30
CA CYS C 6 -19.60 -16.77 -13.98
C CYS C 6 -20.14 -16.29 -15.32
N PRO C 7 -19.52 -15.26 -15.90
CA PRO C 7 -20.02 -14.79 -17.20
C PRO C 7 -19.86 -15.83 -18.29
N GLU C 8 -20.53 -15.60 -19.42
CA GLU C 8 -20.52 -16.53 -20.54
C GLU C 8 -19.09 -16.73 -21.03
N SER C 9 -18.74 -17.98 -21.36
CA SER C 9 -17.42 -18.37 -21.85
C SER C 9 -16.36 -18.49 -20.73
N TRP C 10 -16.77 -18.29 -19.48
CA TRP C 10 -15.85 -18.42 -18.35
C TRP C 10 -16.12 -19.70 -17.54
N ILE C 11 -15.08 -20.22 -16.90
CA ILE C 11 -15.17 -21.48 -16.14
C ILE C 11 -14.97 -21.24 -14.65
N GLY C 12 -15.87 -21.78 -13.85
CA GLY C 12 -15.81 -21.62 -12.41
C GLY C 12 -14.98 -22.67 -11.69
N PHE C 13 -14.06 -22.20 -10.84
CA PHE C 13 -13.32 -23.08 -9.95
C PHE C 13 -13.17 -22.41 -8.59
N GLN C 14 -13.62 -23.10 -7.54
CA GLN C 14 -13.68 -22.53 -6.20
C GLN C 14 -14.45 -21.21 -6.22
N ARG C 15 -13.84 -20.13 -5.75
CA ARG C 15 -14.51 -18.84 -5.69
C ARG C 15 -14.05 -17.91 -6.81
N LYS C 16 -13.57 -18.50 -7.90
CA LYS C 16 -13.07 -17.72 -9.04
C LYS C 16 -13.70 -18.15 -10.36
N CYS C 17 -13.66 -17.24 -11.33
CA CYS C 17 -14.06 -17.52 -12.70
C CYS C 17 -12.83 -17.41 -13.59
N PHE C 18 -12.70 -18.35 -14.53
CA PHE C 18 -11.52 -18.43 -15.38
C PHE C 18 -11.86 -18.36 -16.87
N TYR C 19 -10.99 -17.70 -17.63
CA TYR C 19 -11.13 -17.61 -19.08
C TYR C 19 -9.89 -18.15 -19.75
N PHE C 20 -10.06 -19.21 -20.53
CA PHE C 20 -8.97 -19.80 -21.29
C PHE C 20 -9.05 -19.33 -22.73
N SER C 21 -8.01 -18.64 -23.18
CA SER C 21 -8.03 -18.01 -24.50
C SER C 21 -7.95 -19.05 -25.61
N ASP C 22 -8.48 -18.69 -26.77
CA ASP C 22 -8.40 -19.54 -27.96
C ASP C 22 -7.16 -19.16 -28.76
N ASP C 23 -6.83 -17.87 -28.75
CA ASP C 23 -5.77 -17.33 -29.58
C ASP C 23 -4.59 -16.83 -28.75
N THR C 24 -3.52 -16.42 -29.44
CA THR C 24 -2.27 -16.03 -28.78
C THR C 24 -2.01 -14.52 -28.74
N LYS C 25 -1.46 -14.08 -27.60
CA LYS C 25 -1.07 -12.68 -27.39
C LYS C 25 0.23 -12.64 -26.60
N ASN C 26 0.91 -11.49 -26.62
CA ASN C 26 2.06 -11.29 -25.74
C ASN C 26 1.56 -11.03 -24.31
N TRP C 27 2.48 -11.03 -23.35
CA TRP C 27 2.10 -10.98 -21.94
C TRP C 27 1.32 -9.73 -21.57
N THR C 28 1.79 -8.57 -21.99
CA THR C 28 1.12 -7.31 -21.65
C THR C 28 -0.25 -7.20 -22.32
N SER C 29 -0.34 -7.63 -23.58
CA SER C 29 -1.62 -7.56 -24.30
C SER C 29 -2.63 -8.51 -23.66
N SER C 30 -2.14 -9.65 -23.18
CA SER C 30 -2.99 -10.61 -22.50
C SER C 30 -3.56 -10.01 -21.22
N GLN C 31 -2.71 -9.34 -20.47
CA GLN C 31 -3.14 -8.70 -19.23
C GLN C 31 -4.15 -7.59 -19.49
N ARG C 32 -3.95 -6.86 -20.58
CA ARG C 32 -4.87 -5.77 -20.91
C ARG C 32 -6.22 -6.31 -21.35
N PHE C 33 -6.21 -7.47 -22.01
CA PHE C 33 -7.46 -8.15 -22.36
C PHE C 33 -8.22 -8.52 -21.09
N CYS C 34 -7.51 -9.13 -20.14
CA CYS C 34 -8.11 -9.54 -18.88
C CYS C 34 -8.64 -8.31 -18.16
N ASP C 35 -7.87 -7.23 -18.20
CA ASP C 35 -8.24 -5.99 -17.55
C ASP C 35 -9.53 -5.42 -18.16
N SER C 36 -9.68 -5.59 -19.47
CA SER C 36 -10.86 -5.09 -20.16
C SER C 36 -12.09 -5.89 -19.73
N GLN C 37 -11.86 -7.10 -19.22
CA GLN C 37 -12.93 -7.96 -18.74
C GLN C 37 -13.06 -7.88 -17.22
N ASP C 38 -12.53 -6.81 -16.64
CA ASP C 38 -12.55 -6.63 -15.20
C ASP C 38 -11.88 -7.81 -14.51
N ALA C 39 -10.77 -8.27 -15.08
CA ALA C 39 -10.04 -9.42 -14.55
C ALA C 39 -8.52 -9.22 -14.66
N ASP C 40 -7.77 -10.24 -14.27
CA ASP C 40 -6.32 -10.21 -14.37
C ASP C 40 -5.78 -11.54 -14.85
N LEU C 41 -4.54 -11.56 -15.31
CA LEU C 41 -3.88 -12.82 -15.63
C LEU C 41 -3.88 -13.69 -14.38
N ALA C 42 -4.11 -14.98 -14.57
CA ALA C 42 -4.33 -15.92 -13.48
C ALA C 42 -3.32 -15.79 -12.35
N GLN C 43 -3.80 -15.51 -11.14
CA GLN C 43 -2.99 -15.55 -9.93
C GLN C 43 -3.16 -16.90 -9.23
N VAL C 44 -2.15 -17.75 -9.29
CA VAL C 44 -2.24 -19.09 -8.71
C VAL C 44 -1.94 -19.03 -7.21
N GLU C 45 -2.98 -19.19 -6.40
CA GLU C 45 -2.90 -18.98 -4.96
C GLU C 45 -2.91 -20.27 -4.14
N SER C 46 -2.99 -21.42 -4.82
CA SER C 46 -3.00 -22.71 -4.14
C SER C 46 -2.60 -23.83 -5.09
N PHE C 47 -2.25 -24.99 -4.53
CA PHE C 47 -1.85 -26.13 -5.34
C PHE C 47 -3.05 -26.75 -6.03
N GLN C 48 -4.23 -26.63 -5.44
CA GLN C 48 -5.46 -27.10 -6.08
C GLN C 48 -5.73 -26.27 -7.34
N GLU C 49 -5.51 -24.96 -7.22
CA GLU C 49 -5.71 -24.04 -8.34
C GLU C 49 -4.74 -24.32 -9.47
N LEU C 50 -3.49 -24.62 -9.12
CA LEU C 50 -2.47 -24.94 -10.13
C LEU C 50 -2.87 -26.18 -10.92
N ASN C 51 -3.32 -27.21 -10.21
CA ASN C 51 -3.73 -28.46 -10.83
C ASN C 51 -4.91 -28.24 -11.76
N PHE C 52 -5.86 -27.41 -11.34
CA PHE C 52 -7.00 -27.06 -12.17
C PHE C 52 -6.57 -26.47 -13.51
N LEU C 53 -5.65 -25.52 -13.47
CA LEU C 53 -5.18 -24.86 -14.68
C LEU C 53 -4.43 -25.83 -15.58
N LEU C 54 -3.50 -26.58 -15.00
CA LEU C 54 -2.75 -27.58 -15.77
C LEU C 54 -3.70 -28.62 -16.36
N ARG C 55 -4.72 -29.00 -15.60
CA ARG C 55 -5.66 -30.02 -16.02
C ARG C 55 -6.50 -29.59 -17.23
N TYR C 56 -6.98 -28.35 -17.20
CA TYR C 56 -8.00 -27.90 -18.14
C TYR C 56 -7.54 -26.86 -19.18
N LYS C 57 -6.28 -26.44 -19.13
CA LYS C 57 -5.79 -25.44 -20.09
C LYS C 57 -5.63 -26.06 -21.48
N GLY C 58 -5.20 -27.31 -21.52
CA GLY C 58 -4.93 -27.99 -22.78
C GLY C 58 -3.44 -28.03 -23.09
N PRO C 59 -3.08 -28.56 -24.27
CA PRO C 59 -1.67 -28.78 -24.65
C PRO C 59 -0.83 -27.50 -24.77
N SER C 60 -1.44 -26.37 -25.11
CA SER C 60 -0.68 -25.16 -25.39
C SER C 60 -0.17 -24.45 -24.13
N ASP C 61 0.90 -23.69 -24.28
CA ASP C 61 1.41 -22.85 -23.20
C ASP C 61 0.44 -21.70 -22.94
N HIS C 62 0.28 -21.33 -21.67
CA HIS C 62 -0.62 -20.25 -21.29
C HIS C 62 0.06 -19.24 -20.37
N TRP C 63 0.03 -17.96 -20.76
CA TRP C 63 0.50 -16.90 -19.87
C TRP C 63 -0.29 -16.91 -18.56
N ILE C 64 0.39 -16.62 -17.46
CA ILE C 64 -0.27 -16.34 -16.19
C ILE C 64 0.28 -15.03 -15.64
N GLY C 65 -0.29 -14.55 -14.53
CA GLY C 65 -0.01 -13.20 -14.08
C GLY C 65 1.24 -13.08 -13.23
N LEU C 66 2.31 -13.71 -13.67
CA LEU C 66 3.57 -13.71 -12.93
C LEU C 66 4.68 -13.13 -13.80
N SER C 67 5.33 -12.09 -13.27
CA SER C 67 6.38 -11.38 -13.99
C SER C 67 7.45 -10.85 -13.05
N ARG C 68 8.58 -10.45 -13.62
CA ARG C 68 9.67 -9.88 -12.84
C ARG C 68 10.40 -8.81 -13.64
N GLU C 69 10.82 -7.76 -12.93
CA GLU C 69 11.68 -6.73 -13.50
C GLU C 69 13.13 -7.17 -13.39
N GLN C 70 14.00 -6.57 -14.18
CA GLN C 70 15.41 -6.95 -14.21
C GLN C 70 15.97 -6.89 -12.79
N GLY C 71 16.56 -8.00 -12.32
CA GLY C 71 17.14 -8.03 -11.00
C GLY C 71 16.14 -7.93 -9.87
N GLN C 72 14.87 -8.18 -10.19
CA GLN C 72 13.80 -8.17 -9.18
C GLN C 72 13.17 -9.55 -9.07
N PRO C 73 12.55 -9.84 -7.92
CA PRO C 73 11.92 -11.15 -7.73
C PRO C 73 10.61 -11.27 -8.49
N TRP C 74 10.11 -12.50 -8.61
CA TRP C 74 8.84 -12.74 -9.28
C TRP C 74 7.69 -12.16 -8.47
N LYS C 75 6.71 -11.58 -9.16
CA LYS C 75 5.55 -10.99 -8.51
C LYS C 75 4.29 -11.22 -9.31
N TRP C 76 3.19 -11.48 -8.60
CA TRP C 76 1.88 -11.58 -9.23
C TRP C 76 1.46 -10.18 -9.67
N ILE C 77 0.36 -10.08 -10.43
CA ILE C 77 -0.04 -8.79 -10.98
C ILE C 77 -0.31 -7.75 -9.89
N ASN C 78 -0.91 -8.17 -8.79
CA ASN C 78 -1.24 -7.26 -7.71
C ASN C 78 -0.02 -6.82 -6.89
N GLY C 79 1.04 -7.63 -6.94
CA GLY C 79 2.27 -7.30 -6.25
C GLY C 79 2.72 -8.37 -5.29
N THR C 80 1.88 -9.40 -5.10
CA THR C 80 2.21 -10.46 -4.17
C THR C 80 3.44 -11.21 -4.64
N GLU C 81 4.38 -11.41 -3.73
CA GLU C 81 5.64 -12.05 -4.07
C GLU C 81 5.47 -13.55 -4.28
N TRP C 82 6.04 -14.06 -5.36
CA TRP C 82 6.15 -15.49 -5.57
C TRP C 82 6.89 -16.10 -4.39
N THR C 83 6.25 -17.06 -3.72
CA THR C 83 6.77 -17.61 -2.46
C THR C 83 7.43 -18.97 -2.68
N ARG C 84 7.91 -19.19 -3.89
CA ARG C 84 8.65 -20.41 -4.25
C ARG C 84 7.77 -21.63 -4.06
N GLN C 85 6.48 -21.46 -4.34
CA GLN C 85 5.51 -22.54 -4.23
C GLN C 85 5.80 -23.60 -5.29
N PHE C 86 6.37 -23.15 -6.40
CA PHE C 86 6.77 -24.03 -7.49
C PHE C 86 7.92 -23.40 -8.26
N PRO C 87 8.76 -24.21 -8.90
CA PRO C 87 9.91 -23.66 -9.63
C PRO C 87 9.51 -22.91 -10.90
N ILE C 88 10.23 -21.83 -11.22
CA ILE C 88 10.06 -21.14 -12.49
C ILE C 88 11.38 -21.17 -13.25
N LEU C 89 11.49 -22.11 -14.18
CA LEU C 89 12.71 -22.27 -14.97
C LEU C 89 12.77 -21.25 -16.12
N GLY C 90 13.94 -21.12 -16.71
CA GLY C 90 14.14 -20.22 -17.84
C GLY C 90 14.75 -18.90 -17.42
N ALA C 91 15.00 -18.03 -18.41
CA ALA C 91 15.63 -16.73 -18.15
C ALA C 91 14.73 -15.57 -18.58
N GLY C 92 13.47 -15.89 -18.88
CA GLY C 92 12.53 -14.87 -19.32
C GLY C 92 12.03 -14.03 -18.16
N GLU C 93 11.24 -13.01 -18.48
CA GLU C 93 10.70 -12.10 -17.47
C GLU C 93 9.22 -12.39 -17.20
N CYS C 94 8.59 -13.13 -18.09
CA CYS C 94 7.16 -13.44 -17.95
C CYS C 94 6.95 -14.95 -17.92
N ALA C 95 6.11 -15.39 -16.98
CA ALA C 95 5.88 -16.81 -16.72
C ALA C 95 4.65 -17.33 -17.45
N TYR C 96 4.72 -18.60 -17.84
CA TYR C 96 3.60 -19.28 -18.47
C TYR C 96 3.54 -20.70 -17.96
N LEU C 97 2.41 -21.36 -18.20
CA LEU C 97 2.23 -22.76 -17.82
C LEU C 97 2.31 -23.66 -19.03
N ASN C 98 3.16 -24.69 -18.95
CA ASN C 98 3.14 -25.78 -19.93
C ASN C 98 2.45 -26.97 -19.27
N ASP C 99 2.50 -28.14 -19.90
CA ASP C 99 1.76 -29.30 -19.40
C ASP C 99 2.28 -29.78 -18.05
N LYS C 100 3.54 -29.47 -17.77
CA LYS C 100 4.22 -29.96 -16.57
C LYS C 100 4.25 -28.94 -15.43
N GLY C 101 4.42 -27.66 -15.74
CA GLY C 101 4.45 -26.64 -14.72
C GLY C 101 4.71 -25.24 -15.23
N ALA C 102 5.35 -24.41 -14.42
CA ALA C 102 5.63 -23.03 -14.78
C ALA C 102 7.06 -22.83 -15.25
N SER C 103 7.21 -22.15 -16.38
CA SER C 103 8.51 -21.74 -16.90
C SER C 103 8.42 -20.28 -17.34
N SER C 104 9.51 -19.75 -17.88
CA SER C 104 9.56 -18.33 -18.24
C SER C 104 10.06 -18.13 -19.66
N ALA C 105 9.70 -17.00 -20.23
CA ALA C 105 10.07 -16.66 -21.59
C ALA C 105 10.07 -15.14 -21.76
N ARG C 106 10.51 -14.70 -22.93
CA ARG C 106 10.47 -13.27 -23.25
C ARG C 106 9.02 -12.83 -23.34
N CYS C 107 8.73 -11.66 -22.75
CA CYS C 107 7.35 -11.20 -22.61
C CYS C 107 6.69 -10.88 -23.95
N TYR C 108 7.48 -10.66 -24.99
CA TYR C 108 6.91 -10.27 -26.28
C TYR C 108 6.57 -11.48 -27.15
N THR C 109 6.94 -12.67 -26.70
CA THR C 109 6.50 -13.89 -27.37
C THR C 109 5.00 -14.05 -27.17
N GLU C 110 4.35 -14.68 -28.15
CA GLU C 110 2.89 -14.75 -28.15
C GLU C 110 2.42 -16.14 -27.75
N ARG C 111 1.55 -16.18 -26.74
CA ARG C 111 1.05 -17.44 -26.22
C ARG C 111 -0.42 -17.28 -25.86
N LYS C 112 -1.11 -18.40 -25.63
CA LYS C 112 -2.44 -18.33 -25.06
C LYS C 112 -2.31 -17.79 -23.64
N TRP C 113 -3.43 -17.47 -23.01
CA TRP C 113 -3.40 -16.89 -21.68
C TRP C 113 -4.62 -17.30 -20.87
N ILE C 114 -4.56 -17.05 -19.57
CA ILE C 114 -5.66 -17.36 -18.67
C ILE C 114 -5.98 -16.14 -17.80
N CYS C 115 -7.22 -15.67 -17.89
CA CYS C 115 -7.71 -14.60 -17.01
C CYS C 115 -8.43 -15.23 -15.83
N SER C 116 -8.43 -14.53 -14.70
CA SER C 116 -9.22 -14.97 -13.55
C SER C 116 -9.76 -13.77 -12.79
N LYS C 117 -10.92 -13.96 -12.15
CA LYS C 117 -11.51 -12.94 -11.31
C LYS C 117 -12.46 -13.57 -10.29
N SER C 118 -12.76 -12.82 -9.24
CA SER C 118 -13.66 -13.31 -8.20
C SER C 118 -15.11 -13.15 -8.64
#